data_8QLJ
#
_entry.id   8QLJ
#
_cell.length_a   49.433
_cell.length_b   113.458
_cell.length_c   58.729
_cell.angle_alpha   90.000
_cell.angle_beta   107.520
_cell.angle_gamma   90.000
#
_symmetry.space_group_name_H-M   'P 1 21 1'
#
loop_
_entity.id
_entity.type
_entity.pdbx_description
1 polymer 'Oligopeptide-binding protein AliB'
2 polymer ALA-ALA-ALA-ALA-ALA-ALA-ALA-ALA-ALA
3 water water
#
loop_
_entity_poly.entity_id
_entity_poly.type
_entity_poly.pdbx_seq_one_letter_code
_entity_poly.pdbx_strand_id
1 'polypeptide(L)'
;NSSTASKTYNYVYSSDPSSLNYLAENRAATSDIVANLVDGLLENDQYGNIIPSLAEDWTVSQDGLTYTYKLRKDAKWFTS
EGEEYAPVTAQDFVTGLQYAADKKSEALYLVQDSVAGLDDYITGKTSDFSTVGVKALDDQTVQYTLVKPELYWNSKTLAT
ILFPVNADFLKSKGDDFGKADPSSILYNGPFLMKALVSKSAIEYKKNPNYWDAKNVFVDDVKLTYYDGSDQESLERNFTA
GAYTTARLFPNSSSYEGIKEKYKNNIIYSMQNSTSYFFNFNLDRKSYNYTSKTSDIEKKSTQEAVLNKNFRQAINFAFDR
TSYGAQSEGKEGATKILRNLVVPPNFVSIKGKDFGEVVASKMVNYGKEWQGINFADGQDPYYNPEKAKAKFAEAKKELEA
KGVQFPIHLDKTVEVTDKVGIQGVSSIKQSIESVLGSDNVVIDIQQLTSDEFDSSGYFAQTAAQKDYDLYHGGWGPDYQD
PSTYLDIFNTNSGGFLQNLGLEPGEANDKAKAVGLDVYTQMLEEANKEQDPAKRYEKYADIQAWLIDSSLVLPSVSRGGT
PSLRRTVPFAAAYGLTGTKGVESYKYLKVQDKIVTTDEYAKAREKWLKEKEESNKKAQEELAKHVK
;
A
2 'polypeptide(L)' (UNK)(UNK)(UNK)(UNK)(UNK)(UNK)(UNK)(UNK)(UNK) B
#
# COMPACT_ATOMS: atom_id res chain seq x y z
N SER A 6 5.35 33.51 -0.15
CA SER A 6 4.78 32.18 -0.42
C SER A 6 5.51 31.13 0.40
N LYS A 7 4.73 30.14 0.88
CA LYS A 7 5.28 29.01 1.66
C LYS A 7 5.34 27.79 0.74
N THR A 8 6.49 27.14 0.67
CA THR A 8 6.67 26.02 -0.23
C THR A 8 7.22 24.82 0.53
N TYR A 9 6.74 23.65 0.15
CA TYR A 9 7.32 22.39 0.58
C TYR A 9 8.13 21.82 -0.58
N ASN A 10 9.38 21.48 -0.30
CA ASN A 10 10.30 20.94 -1.31
C ASN A 10 10.88 19.63 -0.81
N TYR A 11 10.78 18.58 -1.63
CA TYR A 11 11.44 17.32 -1.30
C TYR A 11 11.62 16.51 -2.58
N VAL A 12 11.49 15.19 -2.50
CA VAL A 12 11.80 14.30 -3.61
C VAL A 12 10.66 13.31 -3.81
N TYR A 13 10.66 12.67 -4.97
CA TYR A 13 9.78 11.54 -5.25
C TYR A 13 10.60 10.50 -6.00
N SER A 14 10.12 9.26 -5.97
CA SER A 14 10.87 8.17 -6.55
C SER A 14 10.12 7.40 -7.63
N SER A 15 8.79 7.47 -7.66
CA SER A 15 7.98 6.67 -8.57
CA SER A 15 7.98 6.66 -8.57
C SER A 15 7.19 7.58 -9.49
N ASP A 16 7.51 7.55 -10.77
CA ASP A 16 6.67 8.17 -11.77
C ASP A 16 5.39 7.35 -11.93
N PRO A 17 4.24 7.99 -12.15
CA PRO A 17 3.02 7.21 -12.36
C PRO A 17 2.94 6.68 -13.78
N SER A 18 2.26 5.54 -13.93
CA SER A 18 1.99 5.08 -15.28
C SER A 18 0.84 5.86 -15.91
N SER A 19 -0.01 6.46 -15.09
CA SER A 19 -1.13 7.26 -15.56
C SER A 19 -1.66 8.04 -14.37
N LEU A 20 -2.60 8.95 -14.66
CA LEU A 20 -3.36 9.63 -13.63
C LEU A 20 -4.76 9.09 -13.53
N ASN A 21 -5.00 7.85 -13.98
CA ASN A 21 -6.35 7.32 -14.10
C ASN A 21 -6.74 6.72 -12.77
N TYR A 22 -7.24 7.57 -11.88
CA TYR A 22 -7.61 7.17 -10.54
C TYR A 22 -8.81 6.24 -10.52
N LEU A 23 -9.54 6.13 -11.63
CA LEU A 23 -10.66 5.22 -11.66
C LEU A 23 -10.25 3.82 -12.09
N ALA A 24 -9.11 3.69 -12.78
CA ALA A 24 -8.71 2.41 -13.35
C ALA A 24 -7.49 1.79 -12.69
N GLU A 25 -6.69 2.56 -11.96
CA GLU A 25 -5.44 2.08 -11.37
C GLU A 25 -5.65 1.67 -9.91
N ASN A 26 -4.91 0.63 -9.49
CA ASN A 26 -4.80 0.33 -8.07
C ASN A 26 -3.39 0.53 -7.55
N ARG A 27 -2.51 1.16 -8.33
CA ARG A 27 -1.14 1.40 -7.90
C ARG A 27 -1.04 2.72 -7.13
N ALA A 28 -0.31 2.68 -6.00
CA ALA A 28 -0.07 3.88 -5.22
C ALA A 28 0.67 4.95 -6.02
N ALA A 29 1.46 4.56 -7.03
CA ALA A 29 2.14 5.53 -7.86
C ALA A 29 1.15 6.54 -8.46
N THR A 30 -0.09 6.11 -8.70
CA THR A 30 -1.14 6.99 -9.18
C THR A 30 -1.90 7.65 -8.04
N SER A 31 -2.33 6.88 -7.04
CA SER A 31 -3.21 7.49 -6.03
C SER A 31 -2.45 8.43 -5.11
N ASP A 32 -1.14 8.22 -4.91
CA ASP A 32 -0.35 9.16 -4.12
C ASP A 32 -0.39 10.55 -4.74
N ILE A 33 -0.44 10.64 -6.06
CA ILE A 33 -0.53 11.94 -6.73
C ILE A 33 -1.95 12.45 -6.70
N VAL A 34 -2.92 11.63 -7.13
CA VAL A 34 -4.29 12.10 -7.27
C VAL A 34 -4.90 12.48 -5.93
N ALA A 35 -4.40 11.91 -4.83
CA ALA A 35 -4.84 12.34 -3.49
C ALA A 35 -4.81 13.85 -3.33
N ASN A 36 -3.92 14.53 -4.06
CA ASN A 36 -3.74 15.97 -3.96
C ASN A 36 -4.59 16.74 -4.95
N LEU A 37 -5.22 16.06 -5.90
CA LEU A 37 -5.87 16.68 -7.05
C LEU A 37 -7.37 16.49 -7.12
N VAL A 38 -7.87 15.36 -6.60
CA VAL A 38 -9.29 15.01 -6.68
C VAL A 38 -9.74 14.57 -5.31
N ASP A 39 -10.86 15.12 -4.87
CA ASP A 39 -11.51 14.73 -3.62
C ASP A 39 -12.65 13.77 -3.92
N GLY A 40 -12.94 12.93 -2.94
CA GLY A 40 -14.14 12.13 -2.94
C GLY A 40 -15.14 12.59 -1.90
N LEU A 41 -16.00 11.66 -1.49
CA LEU A 41 -17.10 12.02 -0.58
C LEU A 41 -16.59 12.45 0.79
N LEU A 42 -15.61 11.74 1.33
CA LEU A 42 -15.14 11.95 2.70
C LEU A 42 -13.62 11.98 2.70
N GLU A 43 -13.04 12.44 3.81
CA GLU A 43 -11.57 12.51 3.91
C GLU A 43 -11.18 12.27 5.37
N ASN A 44 -9.92 12.57 5.70
CA ASN A 44 -9.38 12.40 7.04
C ASN A 44 -9.05 13.74 7.68
N ASP A 45 -9.15 13.79 9.01
CA ASP A 45 -8.57 14.89 9.77
C ASP A 45 -7.20 14.47 10.30
N GLN A 46 -6.65 15.24 11.25
CA GLN A 46 -5.31 14.96 11.73
C GLN A 46 -5.24 13.69 12.57
N TYR A 47 -6.38 13.15 12.98
CA TYR A 47 -6.42 12.06 13.94
C TYR A 47 -6.91 10.75 13.36
N GLY A 48 -7.10 10.67 12.04
CA GLY A 48 -7.65 9.46 11.45
C GLY A 48 -9.15 9.35 11.47
N ASN A 49 -9.86 10.38 11.90
CA ASN A 49 -11.31 10.34 11.81
C ASN A 49 -11.73 10.53 10.37
N ILE A 50 -12.88 9.97 10.02
CA ILE A 50 -13.48 10.17 8.70
C ILE A 50 -14.38 11.39 8.78
N ILE A 51 -14.06 12.43 8.00
CA ILE A 51 -14.71 13.73 8.11
C ILE A 51 -15.28 14.14 6.75
N PRO A 52 -16.14 15.16 6.70
CA PRO A 52 -16.67 15.61 5.40
C PRO A 52 -15.58 16.02 4.41
N SER A 53 -15.81 15.67 3.15
CA SER A 53 -15.01 16.17 2.03
C SER A 53 -16.01 16.76 1.05
N LEU A 54 -16.20 16.19 -0.14
CA LEU A 54 -17.24 16.74 -1.01
C LEU A 54 -18.63 16.59 -0.39
N ALA A 55 -18.87 15.52 0.37
CA ALA A 55 -20.14 15.35 1.06
C ALA A 55 -20.12 16.12 2.38
N GLU A 56 -21.01 17.09 2.52
CA GLU A 56 -21.13 17.81 3.78
C GLU A 56 -21.98 17.07 4.81
N ASP A 57 -22.78 16.09 4.36
CA ASP A 57 -23.62 15.29 5.24
C ASP A 57 -23.89 13.97 4.54
N TRP A 58 -24.41 13.01 5.32
CA TRP A 58 -24.71 11.69 4.78
C TRP A 58 -25.62 10.97 5.77
N THR A 59 -26.32 9.94 5.26
CA THR A 59 -27.10 9.06 6.11
C THR A 59 -26.87 7.63 5.70
N VAL A 60 -27.14 6.72 6.64
CA VAL A 60 -27.22 5.29 6.32
C VAL A 60 -28.56 4.77 6.83
N SER A 61 -29.19 3.92 6.03
CA SER A 61 -30.47 3.32 6.38
C SER A 61 -30.32 2.37 7.59
N GLN A 62 -31.46 2.10 8.24
CA GLN A 62 -31.41 1.25 9.44
C GLN A 62 -30.95 -0.17 9.10
N ASP A 63 -31.23 -0.64 7.88
CA ASP A 63 -30.75 -1.97 7.52
C ASP A 63 -29.33 -1.97 6.97
N GLY A 64 -28.68 -0.80 6.96
CA GLY A 64 -27.29 -0.69 6.57
C GLY A 64 -27.01 -0.82 5.09
N LEU A 65 -28.03 -0.86 4.24
CA LEU A 65 -27.83 -1.10 2.82
C LEU A 65 -27.80 0.16 1.96
N THR A 66 -28.31 1.29 2.45
CA THR A 66 -28.46 2.48 1.62
C THR A 66 -27.69 3.64 2.24
N TYR A 67 -26.70 4.15 1.50
CA TYR A 67 -25.92 5.30 1.92
C TYR A 67 -26.27 6.47 1.02
N THR A 68 -26.63 7.60 1.63
CA THR A 68 -27.04 8.79 0.90
C THR A 68 -26.12 9.94 1.30
N TYR A 69 -25.55 10.63 0.31
CA TYR A 69 -24.59 11.70 0.56
C TYR A 69 -25.11 12.99 -0.03
N LYS A 70 -24.97 14.08 0.74
CA LYS A 70 -25.34 15.42 0.30
CA LYS A 70 -25.34 15.41 0.29
C LYS A 70 -24.07 16.20 -0.01
N LEU A 71 -23.88 16.58 -1.28
CA LEU A 71 -22.68 17.27 -1.70
C LEU A 71 -22.78 18.77 -1.44
N ARG A 72 -21.68 19.37 -0.99
CA ARG A 72 -21.67 20.81 -0.78
C ARG A 72 -21.81 21.56 -2.11
N LYS A 73 -22.54 22.67 -2.08
CA LYS A 73 -22.86 23.37 -3.32
C LYS A 73 -21.68 24.16 -3.88
N ASP A 74 -20.65 24.44 -3.09
CA ASP A 74 -19.58 25.29 -3.57
C ASP A 74 -18.40 24.52 -4.15
N ALA A 75 -18.51 23.20 -4.30
CA ALA A 75 -17.40 22.43 -4.84
C ALA A 75 -17.46 22.44 -6.37
N LYS A 76 -16.35 22.78 -7.00
CA LYS A 76 -16.29 22.87 -8.46
C LYS A 76 -15.14 22.01 -8.99
N TRP A 77 -15.26 21.66 -10.27
CA TRP A 77 -14.14 21.11 -11.04
C TRP A 77 -13.38 22.25 -11.70
N PHE A 78 -12.05 22.09 -11.79
CA PHE A 78 -11.21 23.09 -12.44
C PHE A 78 -10.27 22.40 -13.40
N THR A 79 -9.87 23.12 -14.45
CA THR A 79 -8.81 22.62 -15.31
C THR A 79 -7.47 22.70 -14.60
N SER A 80 -6.46 22.06 -15.19
CA SER A 80 -5.12 22.11 -14.62
C SER A 80 -4.57 23.53 -14.53
N GLU A 81 -5.08 24.46 -15.36
CA GLU A 81 -4.69 25.86 -15.30
C GLU A 81 -5.46 26.65 -14.25
N GLY A 82 -6.46 26.05 -13.62
CA GLY A 82 -7.20 26.70 -12.56
C GLY A 82 -8.53 27.30 -12.97
N GLU A 83 -8.91 27.17 -14.23
CA GLU A 83 -10.18 27.71 -14.72
C GLU A 83 -11.32 26.81 -14.27
N GLU A 84 -12.41 27.43 -13.82
CA GLU A 84 -13.58 26.65 -13.44
C GLU A 84 -14.16 25.95 -14.66
N TYR A 85 -14.43 24.66 -14.53
CA TYR A 85 -15.02 23.85 -15.60
C TYR A 85 -16.52 23.66 -15.39
N ALA A 86 -16.93 23.22 -14.20
CA ALA A 86 -18.32 22.93 -13.92
C ALA A 86 -18.45 22.62 -12.43
N PRO A 87 -19.64 22.78 -11.85
CA PRO A 87 -19.82 22.35 -10.47
C PRO A 87 -19.69 20.84 -10.37
N VAL A 88 -19.27 20.37 -9.19
CA VAL A 88 -19.35 18.94 -8.91
C VAL A 88 -20.81 18.59 -8.65
N THR A 89 -21.27 17.48 -9.24
CA THR A 89 -22.65 17.04 -9.09
C THR A 89 -22.69 15.57 -8.73
N ALA A 90 -23.86 15.15 -8.27
CA ALA A 90 -24.05 13.75 -7.89
C ALA A 90 -23.86 12.83 -9.09
N GLN A 91 -24.25 13.30 -10.28
CA GLN A 91 -24.06 12.51 -11.49
C GLN A 91 -22.60 12.11 -11.68
N ASP A 92 -21.66 12.93 -11.20
CA ASP A 92 -20.25 12.60 -11.37
C ASP A 92 -19.87 11.31 -10.65
N PHE A 93 -20.60 10.95 -9.59
CA PHE A 93 -20.31 9.69 -8.93
C PHE A 93 -20.93 8.50 -9.68
N VAL A 94 -22.08 8.72 -10.35
CA VAL A 94 -22.59 7.68 -11.25
C VAL A 94 -21.62 7.45 -12.38
N THR A 95 -21.14 8.55 -12.98
CA THR A 95 -20.16 8.46 -14.06
C THR A 95 -18.91 7.74 -13.62
N GLY A 96 -18.39 8.09 -12.45
CA GLY A 96 -17.14 7.50 -12.01
C GLY A 96 -17.25 6.00 -11.87
N LEU A 97 -18.35 5.51 -11.30
CA LEU A 97 -18.48 4.07 -11.08
C LEU A 97 -18.72 3.33 -12.38
N GLN A 98 -19.52 3.90 -13.28
CA GLN A 98 -19.72 3.24 -14.57
C GLN A 98 -18.42 3.16 -15.34
N TYR A 99 -17.61 4.22 -15.27
CA TYR A 99 -16.35 4.19 -16.01
C TYR A 99 -15.40 3.17 -15.41
N ALA A 100 -15.31 3.13 -14.08
CA ALA A 100 -14.46 2.13 -13.45
C ALA A 100 -14.88 0.72 -13.86
N ALA A 101 -16.18 0.48 -13.93
CA ALA A 101 -16.68 -0.82 -14.35
C ALA A 101 -16.38 -1.09 -15.82
N ASP A 102 -16.65 -0.10 -16.68
CA ASP A 102 -16.45 -0.27 -18.12
C ASP A 102 -14.98 -0.47 -18.46
N LYS A 103 -14.08 0.17 -17.73
CA LYS A 103 -12.66 0.03 -17.99
C LYS A 103 -12.03 -1.14 -17.25
N LYS A 104 -12.83 -1.93 -16.52
CA LYS A 104 -12.32 -3.09 -15.79
C LYS A 104 -11.24 -2.67 -14.81
N SER A 105 -11.55 -1.65 -14.01
CA SER A 105 -10.56 -1.04 -13.14
C SER A 105 -9.86 -2.10 -12.31
N GLU A 106 -8.56 -1.90 -12.11
CA GLU A 106 -7.80 -2.85 -11.32
C GLU A 106 -8.19 -2.85 -9.85
N ALA A 107 -8.98 -1.88 -9.40
CA ALA A 107 -9.44 -1.82 -8.02
C ALA A 107 -10.90 -2.24 -7.86
N LEU A 108 -11.47 -2.93 -8.86
CA LEU A 108 -12.90 -3.24 -8.83
C LEU A 108 -13.28 -4.10 -7.63
N TYR A 109 -12.34 -4.87 -7.05
CA TYR A 109 -12.66 -5.66 -5.86
C TYR A 109 -13.21 -4.80 -4.72
N LEU A 110 -12.95 -3.49 -4.73
CA LEU A 110 -13.49 -2.63 -3.67
C LEU A 110 -14.99 -2.46 -3.77
N VAL A 111 -15.57 -2.60 -4.96
CA VAL A 111 -16.99 -2.30 -5.14
C VAL A 111 -17.78 -3.41 -5.81
N GLN A 112 -17.12 -4.31 -6.56
CA GLN A 112 -17.86 -5.23 -7.42
C GLN A 112 -18.75 -6.18 -6.63
N ASP A 113 -18.34 -6.57 -5.43
CA ASP A 113 -19.15 -7.44 -4.59
C ASP A 113 -19.93 -6.68 -3.53
N SER A 114 -19.88 -5.36 -3.54
CA SER A 114 -20.53 -4.53 -2.54
C SER A 114 -21.73 -3.76 -3.08
N VAL A 115 -21.61 -3.15 -4.24
CA VAL A 115 -22.67 -2.31 -4.78
C VAL A 115 -23.67 -3.21 -5.50
N ALA A 116 -24.94 -3.06 -5.16
CA ALA A 116 -25.98 -3.89 -5.77
C ALA A 116 -25.94 -3.79 -7.29
N GLY A 117 -26.05 -4.94 -7.95
CA GLY A 117 -26.11 -4.99 -9.40
C GLY A 117 -24.78 -4.79 -10.11
N LEU A 118 -23.71 -4.41 -9.39
CA LEU A 118 -22.49 -4.04 -10.09
C LEU A 118 -21.78 -5.26 -10.66
N ASP A 119 -21.74 -6.36 -9.90
CA ASP A 119 -21.17 -7.60 -10.44
C ASP A 119 -21.89 -8.04 -11.71
N ASP A 120 -23.23 -7.99 -11.72
CA ASP A 120 -23.99 -8.39 -12.91
C ASP A 120 -23.60 -7.52 -14.11
N TYR A 121 -23.44 -6.22 -13.89
CA TYR A 121 -23.11 -5.32 -14.98
C TYR A 121 -21.69 -5.57 -15.49
N ILE A 122 -20.72 -5.69 -14.58
CA ILE A 122 -19.33 -5.90 -14.99
C ILE A 122 -19.19 -7.19 -15.79
N THR A 123 -19.91 -8.23 -15.39
CA THR A 123 -19.70 -9.55 -15.98
C THR A 123 -20.67 -9.85 -17.12
N GLY A 124 -21.50 -8.88 -17.52
CA GLY A 124 -22.35 -9.04 -18.68
C GLY A 124 -23.67 -9.72 -18.42
N LYS A 125 -24.00 -10.01 -17.16
CA LYS A 125 -25.31 -10.59 -16.88
C LYS A 125 -26.41 -9.59 -17.19
N THR A 126 -26.12 -8.31 -17.02
CA THR A 126 -27.02 -7.21 -17.36
C THR A 126 -26.26 -6.23 -18.23
N SER A 127 -26.99 -5.39 -18.96
CA SER A 127 -26.31 -4.42 -19.81
C SER A 127 -26.63 -2.98 -19.46
N ASP A 128 -27.53 -2.72 -18.53
CA ASP A 128 -27.99 -1.35 -18.30
C ASP A 128 -27.53 -0.88 -16.92
N PHE A 129 -26.75 0.21 -16.91
CA PHE A 129 -26.20 0.69 -15.64
C PHE A 129 -27.27 1.22 -14.70
N SER A 130 -28.49 1.50 -15.20
CA SER A 130 -29.55 1.94 -14.30
C SER A 130 -29.94 0.88 -13.28
N THR A 131 -29.48 -0.36 -13.43
CA THR A 131 -29.76 -1.40 -12.45
C THR A 131 -28.67 -1.49 -11.39
N VAL A 132 -27.66 -0.63 -11.46
CA VAL A 132 -26.53 -0.66 -10.53
C VAL A 132 -26.80 0.35 -9.42
N GLY A 133 -26.45 -0.03 -8.20
CA GLY A 133 -26.81 0.72 -7.01
C GLY A 133 -25.99 1.97 -6.74
N VAL A 134 -25.89 2.84 -7.73
CA VAL A 134 -25.48 4.23 -7.50
C VAL A 134 -26.41 5.12 -8.31
N LYS A 135 -26.97 6.14 -7.65
CA LYS A 135 -27.97 6.97 -8.28
C LYS A 135 -27.73 8.41 -7.88
N ALA A 136 -27.94 9.33 -8.83
CA ALA A 136 -28.02 10.75 -8.53
C ALA A 136 -29.49 11.10 -8.33
N LEU A 137 -29.90 11.25 -7.07
CA LEU A 137 -31.31 11.57 -6.79
C LEU A 137 -31.64 13.01 -7.19
N ASP A 138 -30.69 13.93 -7.01
CA ASP A 138 -30.74 15.25 -7.61
C ASP A 138 -29.30 15.70 -7.78
N ASP A 139 -29.07 16.97 -8.10
CA ASP A 139 -27.71 17.38 -8.40
C ASP A 139 -26.80 17.28 -7.17
N GLN A 140 -27.35 17.32 -5.96
CA GLN A 140 -26.52 17.34 -4.75
C GLN A 140 -26.57 16.05 -3.95
N THR A 141 -27.26 15.02 -4.43
CA THR A 141 -27.55 13.86 -3.60
C THR A 141 -27.19 12.59 -4.35
N VAL A 142 -26.17 11.88 -3.87
CA VAL A 142 -25.81 10.60 -4.45
C VAL A 142 -26.20 9.49 -3.47
N GLN A 143 -26.75 8.40 -4.01
CA GLN A 143 -27.28 7.32 -3.17
C GLN A 143 -26.68 6.00 -3.65
N TYR A 144 -26.02 5.28 -2.74
CA TYR A 144 -25.47 3.97 -3.02
C TYR A 144 -26.33 2.92 -2.35
N THR A 145 -26.51 1.80 -3.03
CA THR A 145 -27.25 0.65 -2.51
C THR A 145 -26.33 -0.58 -2.48
N LEU A 146 -26.11 -1.11 -1.29
CA LEU A 146 -25.17 -2.24 -1.15
C LEU A 146 -25.93 -3.57 -1.09
N VAL A 147 -25.20 -4.63 -1.34
CA VAL A 147 -25.74 -6.01 -1.33
C VAL A 147 -25.89 -6.52 0.11
N LYS A 148 -24.97 -6.10 0.97
CA LYS A 148 -24.97 -6.46 2.41
C LYS A 148 -24.38 -5.30 3.19
N PRO A 149 -24.61 -5.19 4.50
CA PRO A 149 -24.07 -4.12 5.28
C PRO A 149 -22.54 -4.19 5.32
N GLU A 150 -21.94 -3.01 5.34
CA GLU A 150 -20.48 -2.91 5.43
C GLU A 150 -20.18 -1.75 6.37
N LEU A 151 -19.84 -2.08 7.63
CA LEU A 151 -19.49 -1.03 8.57
C LEU A 151 -18.32 -0.19 8.08
N TYR A 152 -17.49 -0.76 7.20
CA TYR A 152 -16.33 -0.09 6.65
C TYR A 152 -16.62 0.63 5.34
N TRP A 153 -17.90 0.72 4.94
CA TRP A 153 -18.20 1.28 3.62
C TRP A 153 -17.70 2.72 3.51
N ASN A 154 -17.98 3.54 4.52
CA ASN A 154 -17.56 4.93 4.41
C ASN A 154 -16.04 5.06 4.27
N SER A 155 -15.28 4.18 4.93
CA SER A 155 -13.83 4.25 4.75
C SER A 155 -13.43 3.98 3.29
N LYS A 156 -14.24 3.19 2.58
CA LYS A 156 -13.98 2.91 1.16
C LYS A 156 -14.08 4.16 0.29
N THR A 157 -14.86 5.16 0.72
CA THR A 157 -14.98 6.35 -0.11
C THR A 157 -13.69 7.16 -0.14
N LEU A 158 -12.70 6.80 0.67
CA LEU A 158 -11.39 7.44 0.62
C LEU A 158 -10.48 6.74 -0.38
N ALA A 159 -10.97 5.70 -1.07
CA ALA A 159 -10.22 5.08 -2.15
C ALA A 159 -10.66 5.68 -3.48
N THR A 160 -9.70 5.84 -4.41
CA THR A 160 -9.96 6.66 -5.59
C THR A 160 -10.99 6.05 -6.55
N ILE A 161 -11.28 4.76 -6.45
CA ILE A 161 -12.26 4.20 -7.37
C ILE A 161 -13.65 4.76 -7.08
N LEU A 162 -13.86 5.31 -5.89
CA LEU A 162 -15.14 5.92 -5.54
C LEU A 162 -15.09 7.44 -5.67
N PHE A 163 -14.08 7.99 -6.39
CA PHE A 163 -14.03 9.42 -6.65
C PHE A 163 -14.87 9.77 -7.87
N PRO A 164 -15.29 11.02 -8.01
CA PRO A 164 -16.16 11.40 -9.12
C PRO A 164 -15.36 11.76 -10.37
N VAL A 165 -16.09 11.85 -11.48
CA VAL A 165 -15.53 12.38 -12.72
C VAL A 165 -16.64 13.02 -13.52
N ASN A 166 -16.33 14.15 -14.16
CA ASN A 166 -17.32 14.85 -14.97
C ASN A 166 -17.51 14.12 -16.30
N ALA A 167 -18.77 13.75 -16.62
CA ALA A 167 -19.03 12.90 -17.79
C ALA A 167 -18.71 13.62 -19.10
N ASP A 168 -18.95 14.93 -19.16
CA ASP A 168 -18.67 15.66 -20.40
C ASP A 168 -17.18 15.73 -20.65
N PHE A 169 -16.39 16.01 -19.61
CA PHE A 169 -14.94 16.02 -19.77
C PHE A 169 -14.43 14.65 -20.18
N LEU A 170 -14.93 13.60 -19.52
CA LEU A 170 -14.53 12.25 -19.84
C LEU A 170 -14.84 11.92 -21.30
N LYS A 171 -16.04 12.28 -21.76
CA LYS A 171 -16.40 12.03 -23.15
C LYS A 171 -15.49 12.82 -24.10
N SER A 172 -15.18 14.07 -23.76
CA SER A 172 -14.37 14.91 -24.63
C SER A 172 -12.97 14.35 -24.79
N LYS A 173 -12.45 13.70 -23.74
CA LYS A 173 -11.07 13.21 -23.72
C LYS A 173 -10.94 11.80 -24.27
N GLY A 174 -11.95 10.96 -24.09
CA GLY A 174 -11.87 9.60 -24.61
C GLY A 174 -10.67 8.87 -24.04
N ASP A 175 -9.93 8.21 -24.93
CA ASP A 175 -8.74 7.46 -24.51
C ASP A 175 -7.64 8.35 -23.95
N ASP A 176 -7.71 9.67 -24.16
CA ASP A 176 -6.75 10.58 -23.54
C ASP A 176 -7.02 10.82 -22.06
N PHE A 177 -8.18 10.41 -21.55
CA PHE A 177 -8.49 10.65 -20.15
C PHE A 177 -7.48 9.93 -19.26
N GLY A 178 -6.99 10.63 -18.24
CA GLY A 178 -6.17 9.98 -17.24
C GLY A 178 -4.75 9.62 -17.65
N LYS A 179 -4.28 10.06 -18.81
CA LYS A 179 -2.88 9.86 -19.17
C LYS A 179 -1.98 10.67 -18.23
N ALA A 180 -0.68 10.40 -18.30
CA ALA A 180 0.31 11.06 -17.41
C ALA A 180 0.67 12.42 -18.01
N ASP A 181 -0.23 13.37 -17.79
CA ASP A 181 -0.26 14.69 -18.40
C ASP A 181 -1.27 15.46 -17.55
N PRO A 182 -0.91 16.61 -16.97
CA PRO A 182 -1.85 17.28 -16.07
C PRO A 182 -3.16 17.65 -16.75
N SER A 183 -3.18 17.81 -18.07
CA SER A 183 -4.42 18.17 -18.74
C SER A 183 -5.36 16.99 -18.93
N SER A 184 -5.00 15.79 -18.47
CA SER A 184 -5.80 14.60 -18.75
C SER A 184 -6.94 14.37 -17.76
N ILE A 185 -6.99 15.14 -16.68
CA ILE A 185 -8.05 15.03 -15.68
C ILE A 185 -8.52 16.42 -15.31
N LEU A 186 -9.65 16.49 -14.60
CA LEU A 186 -10.08 17.71 -13.93
C LEU A 186 -9.78 17.62 -12.44
N TYR A 187 -9.72 18.80 -11.82
CA TYR A 187 -9.23 18.98 -10.46
C TYR A 187 -10.36 19.50 -9.58
N ASN A 188 -10.63 18.81 -8.46
CA ASN A 188 -11.55 19.40 -7.50
C ASN A 188 -10.98 19.34 -6.09
N GLY A 189 -9.68 19.08 -5.96
CA GLY A 189 -9.03 18.88 -4.68
C GLY A 189 -8.14 20.03 -4.31
N PRO A 190 -7.27 19.85 -3.32
CA PRO A 190 -6.52 21.00 -2.78
C PRO A 190 -5.53 21.62 -3.76
N PHE A 191 -5.00 20.87 -4.71
CA PHE A 191 -3.93 21.38 -5.57
C PHE A 191 -4.28 21.22 -7.04
N LEU A 192 -3.59 22.02 -7.84
CA LEU A 192 -3.48 21.84 -9.29
C LEU A 192 -2.10 21.28 -9.59
N MET A 193 -2.02 20.42 -10.60
CA MET A 193 -0.72 19.88 -10.97
C MET A 193 -0.10 20.78 -12.03
N LYS A 194 0.99 21.48 -11.66
CA LYS A 194 1.66 22.42 -12.56
C LYS A 194 2.75 21.76 -13.39
N ALA A 195 3.35 20.68 -12.92
CA ALA A 195 4.36 19.97 -13.68
C ALA A 195 4.32 18.49 -13.34
N LEU A 196 4.42 17.66 -14.38
CA LEU A 196 4.54 16.20 -14.22
C LEU A 196 5.51 15.75 -15.30
N VAL A 197 6.79 15.65 -14.95
CA VAL A 197 7.86 15.39 -15.90
C VAL A 197 8.56 14.10 -15.49
N SER A 198 8.51 13.09 -16.37
CA SER A 198 9.08 11.79 -16.07
C SER A 198 10.54 11.90 -15.65
N LYS A 199 10.90 11.21 -14.57
CA LYS A 199 12.28 11.19 -14.05
C LYS A 199 12.82 12.61 -13.83
N SER A 200 11.95 13.52 -13.39
CA SER A 200 12.41 14.89 -13.19
C SER A 200 11.66 15.60 -12.07
N ALA A 201 10.34 15.76 -12.20
CA ALA A 201 9.65 16.61 -11.25
C ALA A 201 8.17 16.29 -11.20
N ILE A 202 7.61 16.46 -10.00
CA ILE A 202 6.18 16.58 -9.76
C ILE A 202 5.96 17.86 -8.98
N GLU A 203 5.11 18.75 -9.48
CA GLU A 203 4.91 20.04 -8.83
C GLU A 203 3.43 20.33 -8.69
N TYR A 204 3.03 20.65 -7.47
CA TYR A 204 1.66 21.04 -7.14
C TYR A 204 1.59 22.52 -6.82
N LYS A 205 0.49 23.16 -7.21
CA LYS A 205 0.21 24.53 -6.82
C LYS A 205 -1.13 24.58 -6.11
N LYS A 206 -1.18 25.26 -4.96
CA LYS A 206 -2.43 25.43 -4.24
C LYS A 206 -3.50 26.03 -5.15
N ASN A 207 -4.70 25.38 -5.17
CA ASN A 207 -5.83 25.92 -5.91
C ASN A 207 -6.55 26.96 -5.05
N PRO A 208 -6.48 28.25 -5.40
CA PRO A 208 -7.09 29.28 -4.53
C PRO A 208 -8.59 29.13 -4.38
N ASN A 209 -9.26 28.47 -5.32
CA ASN A 209 -10.71 28.40 -5.35
C ASN A 209 -11.22 27.01 -4.96
N TYR A 210 -10.35 26.17 -4.43
CA TYR A 210 -10.76 24.91 -3.81
C TYR A 210 -11.73 25.18 -2.65
N TRP A 211 -12.73 24.29 -2.50
CA TRP A 211 -13.76 24.54 -1.48
C TRP A 211 -13.17 24.63 -0.08
N ASP A 212 -12.04 23.98 0.17
CA ASP A 212 -11.39 23.96 1.49
C ASP A 212 -10.00 24.57 1.42
N ALA A 213 -9.83 25.61 0.59
CA ALA A 213 -8.54 26.27 0.45
C ALA A 213 -8.00 26.76 1.79
N LYS A 214 -8.88 27.06 2.74
CA LYS A 214 -8.45 27.53 4.05
C LYS A 214 -7.60 26.52 4.81
N ASN A 215 -7.66 25.24 4.43
CA ASN A 215 -6.89 24.20 5.10
C ASN A 215 -5.66 23.79 4.31
N VAL A 216 -5.26 24.58 3.31
CA VAL A 216 -4.06 24.33 2.52
C VAL A 216 -3.07 25.43 2.87
N PHE A 217 -1.97 25.05 3.53
CA PHE A 217 -1.08 26.00 4.17
C PHE A 217 0.23 26.17 3.42
N VAL A 218 0.42 25.46 2.32
CA VAL A 218 1.55 25.68 1.43
C VAL A 218 1.01 26.07 0.06
N ASP A 219 1.67 27.04 -0.58
CA ASP A 219 1.24 27.49 -1.89
C ASP A 219 1.81 26.65 -3.01
N ASP A 220 2.94 25.98 -2.79
CA ASP A 220 3.57 25.16 -3.81
C ASP A 220 4.19 23.95 -3.15
N VAL A 221 4.14 22.81 -3.86
CA VAL A 221 4.82 21.59 -3.46
C VAL A 221 5.68 21.17 -4.64
N LYS A 222 6.98 21.05 -4.42
CA LYS A 222 7.91 20.69 -5.50
C LYS A 222 8.67 19.43 -5.09
N LEU A 223 8.61 18.40 -5.93
CA LEU A 223 9.28 17.14 -5.68
C LEU A 223 10.23 16.84 -6.83
N THR A 224 11.51 16.68 -6.51
CA THR A 224 12.55 16.39 -7.48
C THR A 224 12.75 14.88 -7.55
N TYR A 225 12.95 14.37 -8.76
CA TYR A 225 13.15 12.94 -8.94
C TYR A 225 14.41 12.45 -8.24
N TYR A 226 14.29 11.31 -7.56
CA TYR A 226 15.36 10.72 -6.76
C TYR A 226 15.49 9.26 -7.14
N ASP A 227 16.64 8.86 -7.66
CA ASP A 227 16.78 7.50 -8.17
C ASP A 227 17.54 6.57 -7.22
N GLY A 228 17.89 7.04 -6.02
CA GLY A 228 18.57 6.21 -5.06
C GLY A 228 20.09 6.19 -5.17
N SER A 229 20.68 6.88 -6.15
CA SER A 229 22.11 6.81 -6.36
C SER A 229 22.90 7.81 -5.51
N ASP A 230 22.24 8.79 -4.91
CA ASP A 230 22.90 9.85 -4.15
C ASP A 230 22.10 10.07 -2.85
N GLN A 231 22.16 9.08 -1.96
CA GLN A 231 21.35 9.14 -0.74
C GLN A 231 21.75 10.32 0.14
N GLU A 232 23.00 10.77 0.02
CA GLU A 232 23.46 11.91 0.85
C GLU A 232 22.83 13.21 0.35
N SER A 233 22.27 13.20 -0.84
CA SER A 233 21.69 14.45 -1.36
C SER A 233 20.50 14.93 -0.55
N LEU A 234 19.81 14.03 0.16
CA LEU A 234 18.64 14.47 0.91
C LEU A 234 19.05 15.41 2.05
N GLU A 235 19.94 14.96 2.93
CA GLU A 235 20.42 15.86 4.00
C GLU A 235 21.20 17.03 3.43
N ARG A 236 21.96 16.79 2.35
CA ARG A 236 22.75 17.87 1.77
C ARG A 236 21.86 19.04 1.35
N ASN A 237 20.76 18.74 0.64
CA ASN A 237 19.85 19.78 0.19
C ASN A 237 18.97 20.32 1.32
N PHE A 238 18.66 19.49 2.33
CA PHE A 238 17.99 20.03 3.52
C PHE A 238 18.89 21.07 4.20
N THR A 239 20.14 20.71 4.44
CA THR A 239 21.05 21.61 5.13
C THR A 239 21.30 22.87 4.32
N ALA A 240 21.32 22.76 3.00
CA ALA A 240 21.52 23.94 2.16
C ALA A 240 20.27 24.81 2.10
N GLY A 241 19.16 24.36 2.70
CA GLY A 241 17.92 25.10 2.71
C GLY A 241 17.00 24.82 1.56
N ALA A 242 17.31 23.84 0.70
CA ALA A 242 16.53 23.55 -0.49
C ALA A 242 15.41 22.55 -0.26
N TYR A 243 15.56 21.63 0.67
CA TYR A 243 14.50 20.69 1.00
C TYR A 243 13.93 20.98 2.39
N THR A 244 12.63 20.71 2.53
CA THR A 244 11.92 20.91 3.77
C THR A 244 12.15 19.80 4.78
N THR A 245 12.51 18.61 4.31
CA THR A 245 12.72 17.46 5.16
C THR A 245 13.84 16.64 4.54
N ALA A 246 14.31 15.70 5.32
CA ALA A 246 15.31 14.79 4.77
C ALA A 246 15.31 13.50 5.57
N ARG A 247 15.22 12.40 4.82
CA ARG A 247 15.41 11.02 5.39
CA ARG A 247 15.42 11.03 5.40
C ARG A 247 16.95 10.67 5.53
N LEU A 248 17.29 10.27 6.75
CA LEU A 248 18.69 10.02 7.05
C LEU A 248 19.03 8.55 6.89
N PHE A 249 20.29 8.30 6.54
CA PHE A 249 20.80 6.96 6.28
C PHE A 249 22.00 6.69 7.18
N PRO A 250 21.80 6.05 8.33
CA PRO A 250 22.90 5.89 9.29
C PRO A 250 24.10 5.11 8.80
N ASN A 251 24.02 4.40 7.68
CA ASN A 251 25.21 3.74 7.15
C ASN A 251 26.12 4.66 6.35
N SER A 252 25.64 5.83 5.95
CA SER A 252 26.44 6.69 5.10
C SER A 252 27.69 7.14 5.84
N SER A 253 28.79 7.29 5.09
CA SER A 253 30.01 7.82 5.69
C SER A 253 29.76 9.19 6.31
N SER A 254 28.76 9.91 5.83
CA SER A 254 28.48 11.25 6.32
C SER A 254 27.67 11.25 7.62
N TYR A 255 27.19 10.10 8.09
CA TYR A 255 26.23 10.12 9.19
C TYR A 255 26.87 10.58 10.50
N GLU A 256 28.13 10.19 10.71
CA GLU A 256 28.87 10.57 11.95
C GLU A 256 28.82 12.10 12.09
N GLY A 257 29.13 12.82 11.02
CA GLY A 257 29.11 14.27 11.03
C GLY A 257 27.70 14.83 11.09
N ILE A 258 26.73 14.13 10.50
CA ILE A 258 25.35 14.59 10.53
C ILE A 258 24.78 14.49 11.94
N LYS A 259 25.05 13.38 12.63
CA LYS A 259 24.44 13.18 13.93
C LYS A 259 25.02 14.13 14.97
N GLU A 260 26.27 14.57 14.75
CA GLU A 260 26.93 15.54 15.66
C GLU A 260 26.32 16.93 15.42
N LYS A 261 26.04 17.26 14.15
CA LYS A 261 25.46 18.55 13.79
C LYS A 261 24.00 18.62 14.22
N TYR A 262 23.28 17.51 14.12
CA TYR A 262 21.84 17.45 14.32
C TYR A 262 21.47 16.57 15.51
N LYS A 263 22.37 16.53 16.52
CA LYS A 263 22.18 15.65 17.67
C LYS A 263 20.82 15.81 18.31
N ASN A 264 20.28 17.03 18.33
CA ASN A 264 18.99 17.28 18.96
C ASN A 264 17.83 17.37 17.98
N ASN A 265 18.04 16.96 16.72
CA ASN A 265 17.03 17.16 15.69
C ASN A 265 16.56 15.89 15.00
N ILE A 266 17.15 14.75 15.29
CA ILE A 266 16.78 13.54 14.56
C ILE A 266 15.45 13.02 15.09
N ILE A 267 14.51 12.80 14.18
CA ILE A 267 13.14 12.41 14.54
C ILE A 267 12.85 11.07 13.87
N TYR A 268 12.33 10.13 14.66
CA TYR A 268 11.91 8.84 14.15
C TYR A 268 10.39 8.81 14.01
N SER A 269 9.92 8.43 12.82
CA SER A 269 8.50 8.31 12.55
C SER A 269 7.97 6.99 13.11
N MET A 270 6.66 6.94 13.34
CA MET A 270 6.02 5.70 13.75
C MET A 270 5.82 4.78 12.54
N GLN A 271 5.91 3.47 12.78
CA GLN A 271 5.55 2.53 11.73
C GLN A 271 4.08 2.69 11.40
N ASN A 272 3.73 2.57 10.11
CA ASN A 272 2.35 2.79 9.70
C ASN A 272 1.74 1.52 9.11
N SER A 273 0.56 1.66 8.53
CA SER A 273 -0.24 0.49 8.18
C SER A 273 0.13 -0.11 6.83
N THR A 274 1.11 0.44 6.12
CA THR A 274 1.57 -0.17 4.88
C THR A 274 2.52 -1.30 5.22
N SER A 275 2.22 -2.50 4.73
CA SER A 275 3.03 -3.67 5.04
C SER A 275 3.70 -4.20 3.78
N TYR A 276 4.99 -4.50 3.89
CA TYR A 276 5.74 -5.15 2.82
C TYR A 276 6.02 -6.60 3.19
N PHE A 277 6.26 -7.40 2.16
CA PHE A 277 6.58 -8.82 2.33
C PHE A 277 7.24 -9.31 1.05
N PHE A 278 8.06 -10.34 1.18
CA PHE A 278 8.53 -11.06 0.00
C PHE A 278 7.52 -12.13 -0.38
N ASN A 279 7.40 -12.39 -1.69
CA ASN A 279 6.64 -13.54 -2.17
C ASN A 279 7.41 -14.21 -3.30
N PHE A 280 6.95 -15.40 -3.66
CA PHE A 280 7.57 -16.16 -4.73
C PHE A 280 6.72 -16.05 -5.98
N ASN A 281 7.36 -16.21 -7.13
CA ASN A 281 6.64 -16.31 -8.40
C ASN A 281 6.28 -17.79 -8.59
N LEU A 282 4.99 -18.12 -8.41
CA LEU A 282 4.53 -19.51 -8.43
C LEU A 282 4.32 -20.08 -9.82
N ASP A 283 4.45 -19.28 -10.88
CA ASP A 283 4.21 -19.76 -12.23
C ASP A 283 4.97 -18.90 -13.24
N ARG A 284 6.29 -18.87 -13.10
CA ARG A 284 7.12 -17.94 -13.87
C ARG A 284 7.12 -18.29 -15.37
N LYS A 285 6.94 -17.27 -16.20
CA LYS A 285 6.94 -17.41 -17.65
C LYS A 285 8.06 -16.65 -18.35
N SER A 286 8.56 -15.57 -17.76
CA SER A 286 9.54 -14.69 -18.39
C SER A 286 10.89 -14.92 -17.74
N TYR A 287 11.92 -15.08 -18.57
CA TYR A 287 13.28 -15.37 -18.12
C TYR A 287 14.29 -14.47 -18.81
N ASN A 288 13.93 -13.20 -19.03
CA ASN A 288 14.90 -12.26 -19.55
C ASN A 288 15.98 -11.92 -18.52
N TYR A 289 15.66 -12.02 -17.24
CA TYR A 289 16.58 -11.61 -16.18
C TYR A 289 16.81 -12.79 -15.25
N THR A 290 17.81 -13.61 -15.58
CA THR A 290 18.05 -14.79 -14.79
C THR A 290 19.52 -15.18 -14.90
N SER A 291 19.99 -15.90 -13.87
CA SER A 291 21.29 -16.54 -13.93
C SER A 291 21.18 -18.03 -14.21
N LYS A 292 19.97 -18.55 -14.30
CA LYS A 292 19.79 -19.93 -14.72
C LYS A 292 20.04 -20.05 -16.22
N THR A 293 20.66 -21.15 -16.62
CA THR A 293 21.01 -21.38 -18.01
C THR A 293 20.36 -22.62 -18.60
N SER A 294 19.65 -23.41 -17.79
CA SER A 294 19.12 -24.68 -18.27
C SER A 294 17.66 -24.83 -17.88
N ASP A 295 16.94 -25.62 -18.67
CA ASP A 295 15.56 -25.94 -18.32
C ASP A 295 15.48 -26.73 -17.02
N ILE A 296 16.49 -27.56 -16.70
CA ILE A 296 16.45 -28.28 -15.45
C ILE A 296 16.55 -27.33 -14.26
N GLU A 297 17.34 -26.27 -14.40
CA GLU A 297 17.37 -25.28 -13.31
C GLU A 297 16.03 -24.56 -13.20
N LYS A 298 15.46 -24.18 -14.34
CA LYS A 298 14.20 -23.44 -14.29
C LYS A 298 13.06 -24.31 -13.77
N LYS A 299 13.00 -25.57 -14.19
CA LYS A 299 11.98 -26.47 -13.65
C LYS A 299 12.22 -26.78 -12.18
N SER A 300 13.48 -26.86 -11.76
CA SER A 300 13.78 -27.12 -10.37
C SER A 300 13.28 -25.99 -9.48
N THR A 301 13.53 -24.75 -9.90
CA THR A 301 13.02 -23.61 -9.13
C THR A 301 11.50 -23.56 -9.17
N GLN A 302 10.90 -23.86 -10.33
CA GLN A 302 9.44 -23.90 -10.41
C GLN A 302 8.85 -24.89 -9.40
N GLU A 303 9.50 -26.05 -9.22
CA GLU A 303 8.99 -27.02 -8.26
C GLU A 303 9.23 -26.54 -6.83
N ALA A 304 10.41 -25.95 -6.56
CA ALA A 304 10.74 -25.59 -5.19
C ALA A 304 9.76 -24.57 -4.62
N VAL A 305 9.40 -23.56 -5.41
CA VAL A 305 8.58 -22.50 -4.85
C VAL A 305 7.18 -23.00 -4.51
N LEU A 306 6.74 -24.12 -5.09
CA LEU A 306 5.46 -24.71 -4.76
C LEU A 306 5.52 -25.59 -3.52
N ASN A 307 6.71 -25.82 -2.97
CA ASN A 307 6.91 -26.72 -1.84
C ASN A 307 6.85 -25.90 -0.55
N LYS A 308 5.93 -26.28 0.36
CA LYS A 308 5.73 -25.49 1.57
C LYS A 308 6.95 -25.54 2.49
N ASN A 309 7.54 -26.73 2.67
CA ASN A 309 8.73 -26.79 3.51
C ASN A 309 9.84 -25.90 2.98
N PHE A 310 9.98 -25.83 1.64
CA PHE A 310 11.01 -24.97 1.04
C PHE A 310 10.74 -23.50 1.37
N ARG A 311 9.49 -23.08 1.20
CA ARG A 311 9.16 -21.69 1.48
C ARG A 311 9.39 -21.36 2.95
N GLN A 312 9.02 -22.28 3.86
CA GLN A 312 9.26 -22.05 5.29
C GLN A 312 10.76 -21.98 5.58
N ALA A 313 11.56 -22.82 4.92
CA ALA A 313 13.00 -22.77 5.13
C ALA A 313 13.56 -21.42 4.72
N ILE A 314 13.11 -20.88 3.58
CA ILE A 314 13.53 -19.54 3.19
C ILE A 314 13.10 -18.53 4.24
N ASN A 315 11.86 -18.66 4.72
CA ASN A 315 11.33 -17.77 5.75
C ASN A 315 12.24 -17.75 6.99
N PHE A 316 12.60 -18.92 7.48
CA PHE A 316 13.37 -18.98 8.71
C PHE A 316 14.84 -18.64 8.51
N ALA A 317 15.32 -18.66 7.27
CA ALA A 317 16.69 -18.28 6.95
C ALA A 317 16.86 -16.79 6.64
N PHE A 318 15.76 -16.04 6.57
CA PHE A 318 15.79 -14.63 6.16
C PHE A 318 15.93 -13.78 7.42
N ASP A 319 17.12 -13.23 7.62
CA ASP A 319 17.45 -12.41 8.79
C ASP A 319 16.92 -11.00 8.56
N ARG A 320 15.78 -10.68 9.17
CA ARG A 320 15.19 -9.36 8.98
C ARG A 320 15.99 -8.26 9.63
N THR A 321 16.66 -8.55 10.75
CA THR A 321 17.48 -7.53 11.40
C THR A 321 18.61 -7.08 10.48
N SER A 322 19.33 -8.04 9.90
CA SER A 322 20.38 -7.68 8.95
C SER A 322 19.83 -6.90 7.76
N TYR A 323 18.66 -7.31 7.24
CA TYR A 323 18.02 -6.58 6.14
C TYR A 323 17.73 -5.13 6.56
N GLY A 324 17.05 -4.95 7.69
CA GLY A 324 16.75 -3.61 8.15
C GLY A 324 17.98 -2.77 8.40
N ALA A 325 19.07 -3.40 8.85
CA ALA A 325 20.28 -2.64 9.12
C ALA A 325 20.88 -1.99 7.88
N GLN A 326 20.56 -2.50 6.68
CA GLN A 326 21.16 -1.93 5.48
C GLN A 326 20.68 -0.50 5.22
N SER A 327 19.44 -0.19 5.58
CA SER A 327 18.94 1.18 5.43
C SER A 327 18.93 1.93 6.74
N GLU A 328 18.74 1.25 7.87
CA GLU A 328 18.53 1.95 9.14
C GLU A 328 19.76 1.99 10.03
N GLY A 329 20.83 1.29 9.66
CA GLY A 329 21.97 1.16 10.55
C GLY A 329 21.74 0.12 11.62
N LYS A 330 22.83 -0.19 12.33
CA LYS A 330 22.84 -1.24 13.34
C LYS A 330 21.79 -1.01 14.40
N GLU A 331 21.74 0.19 14.98
CA GLU A 331 20.87 0.41 16.12
C GLU A 331 19.41 0.54 15.72
N GLY A 332 19.12 1.10 14.55
CA GLY A 332 17.76 1.24 14.08
C GLY A 332 17.24 0.08 13.25
N ALA A 333 18.02 -1.01 13.16
CA ALA A 333 17.70 -2.09 12.23
C ALA A 333 16.29 -2.64 12.44
N THR A 334 15.87 -2.81 13.70
CA THR A 334 14.58 -3.45 13.94
C THR A 334 13.41 -2.49 13.94
N LYS A 335 13.65 -1.18 13.81
CA LYS A 335 12.57 -0.21 13.96
C LYS A 335 11.54 -0.27 12.84
N ILE A 336 11.84 -0.96 11.74
CA ILE A 336 10.95 -0.98 10.58
C ILE A 336 10.30 -2.34 10.38
N LEU A 337 10.51 -3.28 11.30
CA LEU A 337 10.16 -4.66 11.04
C LEU A 337 8.66 -4.89 11.21
N ARG A 338 8.07 -5.62 10.26
CA ARG A 338 6.63 -5.88 10.26
C ARG A 338 6.45 -7.36 9.97
N ASN A 339 5.64 -8.04 10.80
CA ASN A 339 5.68 -9.49 10.85
C ASN A 339 4.38 -10.15 10.44
N LEU A 340 3.39 -9.36 10.05
CA LEU A 340 2.16 -9.85 9.47
C LEU A 340 1.87 -8.96 8.28
N VAL A 341 0.93 -9.40 7.45
CA VAL A 341 0.42 -8.49 6.43
C VAL A 341 -0.54 -7.48 7.04
N VAL A 342 -1.54 -7.97 7.77
CA VAL A 342 -2.35 -7.08 8.61
C VAL A 342 -1.48 -6.59 9.76
N PRO A 343 -1.34 -5.28 9.97
CA PRO A 343 -0.57 -4.82 11.12
C PRO A 343 -1.13 -5.41 12.40
N PRO A 344 -0.28 -5.74 13.36
CA PRO A 344 -0.75 -6.43 14.56
C PRO A 344 -1.76 -5.65 15.37
N ASN A 345 -1.78 -4.32 15.25
CA ASN A 345 -2.76 -3.50 15.97
C ASN A 345 -3.86 -2.95 15.07
N PHE A 346 -4.03 -3.53 13.86
CA PHE A 346 -4.93 -2.94 12.88
C PHE A 346 -6.37 -2.93 13.37
N VAL A 347 -6.80 -4.01 14.03
CA VAL A 347 -8.07 -4.07 14.71
C VAL A 347 -7.85 -4.76 16.06
N SER A 348 -8.86 -4.71 16.90
CA SER A 348 -8.84 -5.36 18.20
C SER A 348 -10.02 -6.30 18.32
N ILE A 349 -9.87 -7.34 19.14
CA ILE A 349 -10.91 -8.32 19.38
C ILE A 349 -11.11 -8.38 20.90
N LYS A 350 -12.24 -7.83 21.36
CA LYS A 350 -12.48 -7.66 22.80
C LYS A 350 -11.25 -7.17 23.53
N GLY A 351 -10.55 -6.19 22.96
CA GLY A 351 -9.43 -5.57 23.62
C GLY A 351 -8.10 -6.23 23.36
N LYS A 352 -8.07 -7.37 22.69
CA LYS A 352 -6.84 -8.04 22.32
C LYS A 352 -6.48 -7.64 20.90
N ASP A 353 -5.21 -7.31 20.67
CA ASP A 353 -4.80 -6.90 19.33
C ASP A 353 -4.85 -8.06 18.35
N PHE A 354 -5.11 -7.74 17.07
CA PHE A 354 -5.18 -8.74 16.02
C PHE A 354 -3.98 -9.68 16.02
N GLY A 355 -2.78 -9.11 16.14
CA GLY A 355 -1.58 -9.92 16.08
C GLY A 355 -1.50 -10.93 17.21
N GLU A 356 -2.01 -10.57 18.39
CA GLU A 356 -2.04 -11.51 19.50
C GLU A 356 -2.99 -12.66 19.20
N VAL A 357 -4.12 -12.36 18.56
CA VAL A 357 -5.06 -13.41 18.20
C VAL A 357 -4.47 -14.30 17.12
N VAL A 358 -3.79 -13.72 16.13
CA VAL A 358 -3.09 -14.56 15.15
C VAL A 358 -2.08 -15.46 15.83
N ALA A 359 -1.31 -14.90 16.78
CA ALA A 359 -0.35 -15.73 17.50
C ALA A 359 -1.03 -16.90 18.19
N SER A 360 -2.22 -16.65 18.76
CA SER A 360 -2.98 -17.70 19.43
C SER A 360 -3.37 -18.81 18.47
N LYS A 361 -3.72 -18.42 17.24
CA LYS A 361 -4.14 -19.39 16.23
C LYS A 361 -2.98 -20.23 15.71
N MET A 362 -1.74 -19.73 15.79
CA MET A 362 -0.60 -20.46 15.25
C MET A 362 -0.38 -21.80 15.95
N VAL A 363 -0.95 -22.00 17.13
CA VAL A 363 -0.72 -23.24 17.86
C VAL A 363 -1.25 -24.44 17.11
N ASN A 364 -2.13 -24.22 16.13
CA ASN A 364 -2.71 -25.31 15.38
C ASN A 364 -2.01 -25.56 14.05
N TYR A 365 -0.94 -24.81 13.75
CA TYR A 365 -0.26 -24.91 12.47
C TYR A 365 1.14 -25.52 12.56
N GLY A 366 1.52 -26.10 13.70
CA GLY A 366 2.74 -26.87 13.74
C GLY A 366 3.78 -26.39 14.74
N LYS A 367 4.64 -27.32 15.19
CA LYS A 367 5.64 -26.99 16.20
C LYS A 367 6.59 -25.89 15.73
N GLU A 368 6.78 -25.75 14.42
CA GLU A 368 7.70 -24.74 13.89
C GLU A 368 7.27 -23.31 14.20
N TRP A 369 6.08 -23.12 14.76
CA TRP A 369 5.57 -21.80 15.12
C TRP A 369 5.40 -21.61 16.62
N GLN A 370 5.82 -22.58 17.42
CA GLN A 370 5.66 -22.52 18.89
C GLN A 370 6.21 -21.21 19.45
N GLY A 371 5.40 -20.48 20.18
CA GLY A 371 5.81 -19.27 20.86
C GLY A 371 6.01 -18.03 19.99
N ILE A 372 5.60 -18.06 18.73
CA ILE A 372 5.86 -16.91 17.86
C ILE A 372 5.12 -15.68 18.38
N ASN A 373 5.77 -14.53 18.28
CA ASN A 373 5.24 -13.24 18.66
C ASN A 373 5.25 -12.34 17.43
N PHE A 374 4.12 -11.69 17.13
CA PHE A 374 3.99 -10.94 15.89
C PHE A 374 4.12 -9.42 16.08
N ALA A 375 4.62 -8.97 17.22
CA ALA A 375 4.76 -7.54 17.46
C ALA A 375 5.66 -6.91 16.39
N ASP A 376 5.37 -5.65 16.04
CA ASP A 376 6.29 -4.88 15.21
C ASP A 376 7.63 -4.72 15.92
N GLY A 377 8.69 -4.50 15.13
CA GLY A 377 9.93 -4.01 15.69
C GLY A 377 10.86 -5.06 16.25
N GLN A 378 10.68 -6.33 15.85
CA GLN A 378 11.51 -7.45 16.27
C GLN A 378 11.37 -8.53 15.20
N ASP A 379 12.32 -9.48 15.21
CA ASP A 379 12.34 -10.53 14.18
C ASP A 379 12.02 -11.89 14.82
N PRO A 380 10.78 -12.36 14.71
CA PRO A 380 10.42 -13.67 15.25
C PRO A 380 10.64 -14.83 14.29
N TYR A 381 11.09 -14.57 13.06
CA TYR A 381 11.21 -15.59 12.03
C TYR A 381 12.59 -16.22 11.98
N TYR A 382 13.62 -15.39 11.93
CA TYR A 382 14.98 -15.87 11.72
C TYR A 382 15.37 -16.91 12.76
N ASN A 383 15.74 -18.09 12.28
CA ASN A 383 16.07 -19.19 13.17
C ASN A 383 16.83 -20.23 12.35
N PRO A 384 18.17 -20.17 12.34
CA PRO A 384 18.92 -21.04 11.42
C PRO A 384 18.68 -22.52 11.63
N GLU A 385 18.54 -22.98 12.87
CA GLU A 385 18.38 -24.42 13.06
C GLU A 385 17.01 -24.88 12.57
N LYS A 386 15.96 -24.08 12.79
CA LYS A 386 14.66 -24.41 12.23
C LYS A 386 14.68 -24.39 10.71
N ALA A 387 15.35 -23.39 10.13
CA ALA A 387 15.45 -23.29 8.67
C ALA A 387 16.13 -24.52 8.08
N LYS A 388 17.27 -24.91 8.66
CA LYS A 388 17.99 -26.08 8.14
C LYS A 388 17.14 -27.35 8.24
N ALA A 389 16.39 -27.50 9.33
CA ALA A 389 15.57 -28.69 9.49
C ALA A 389 14.43 -28.70 8.49
N LYS A 390 13.77 -27.57 8.31
CA LYS A 390 12.73 -27.47 7.28
C LYS A 390 13.30 -27.73 5.91
N PHE A 391 14.49 -27.20 5.62
CA PHE A 391 15.07 -27.41 4.29
C PHE A 391 15.37 -28.88 4.05
N ALA A 392 15.87 -29.58 5.07
CA ALA A 392 16.16 -31.00 4.89
C ALA A 392 14.90 -31.75 4.44
N GLU A 393 13.75 -31.40 5.02
CA GLU A 393 12.49 -32.04 4.63
C GLU A 393 12.09 -31.68 3.21
N ALA A 394 12.23 -30.39 2.86
CA ALA A 394 11.94 -29.95 1.50
C ALA A 394 12.82 -30.64 0.49
N LYS A 395 14.11 -30.80 0.83
CA LYS A 395 15.06 -31.39 -0.11
C LYS A 395 14.72 -32.84 -0.39
N LYS A 396 14.33 -33.60 0.64
CA LYS A 396 13.93 -34.98 0.39
C LYS A 396 12.71 -35.04 -0.52
N GLU A 397 11.71 -34.17 -0.29
CA GLU A 397 10.51 -34.14 -1.11
C GLU A 397 10.81 -33.74 -2.55
N LEU A 398 11.66 -32.74 -2.72
CA LEU A 398 11.97 -32.21 -4.04
C LEU A 398 12.89 -33.16 -4.81
N GLU A 399 13.88 -33.76 -4.14
CA GLU A 399 14.75 -34.68 -4.85
C GLU A 399 13.97 -35.87 -5.42
N ALA A 400 12.91 -36.29 -4.74
CA ALA A 400 12.11 -37.40 -5.23
C ALA A 400 11.42 -37.05 -6.54
N LYS A 401 11.29 -35.77 -6.83
CA LYS A 401 10.71 -35.29 -8.08
C LYS A 401 11.76 -35.03 -9.15
N GLY A 402 13.03 -35.30 -8.87
CA GLY A 402 14.08 -35.00 -9.83
C GLY A 402 14.63 -33.60 -9.76
N VAL A 403 14.30 -32.84 -8.72
CA VAL A 403 14.76 -31.44 -8.62
C VAL A 403 16.26 -31.40 -8.36
N GLN A 404 16.95 -30.51 -9.07
CA GLN A 404 18.38 -30.32 -8.95
C GLN A 404 18.68 -29.20 -7.96
N PHE A 405 19.71 -29.39 -7.15
CA PHE A 405 20.10 -28.39 -6.18
C PHE A 405 21.52 -27.90 -6.47
N PRO A 406 21.84 -26.64 -6.15
CA PRO A 406 21.01 -25.67 -5.42
C PRO A 406 19.85 -25.08 -6.21
N ILE A 407 18.83 -24.60 -5.50
CA ILE A 407 17.74 -23.86 -6.12
C ILE A 407 18.18 -22.42 -6.32
N HIS A 408 18.20 -21.96 -7.57
CA HIS A 408 18.51 -20.56 -7.88
C HIS A 408 17.24 -19.72 -7.83
N LEU A 409 17.27 -18.62 -7.09
CA LEU A 409 16.13 -17.71 -6.99
C LEU A 409 16.56 -16.33 -7.47
N ASP A 410 15.91 -15.82 -8.52
CA ASP A 410 16.20 -14.48 -9.03
C ASP A 410 15.46 -13.41 -8.24
N LYS A 411 16.19 -12.36 -7.86
CA LYS A 411 15.62 -11.17 -7.22
C LYS A 411 16.16 -9.97 -7.96
N THR A 412 15.27 -9.07 -8.39
CA THR A 412 15.70 -7.90 -9.13
C THR A 412 15.95 -6.73 -8.19
N VAL A 413 16.71 -5.76 -8.69
CA VAL A 413 16.96 -4.52 -7.99
C VAL A 413 17.34 -3.48 -9.02
N GLU A 414 17.01 -2.21 -8.76
CA GLU A 414 17.39 -1.13 -9.66
C GLU A 414 18.88 -0.81 -9.51
N VAL A 415 19.56 -0.66 -10.65
CA VAL A 415 21.00 -0.47 -10.64
C VAL A 415 21.40 0.79 -9.90
N THR A 416 20.54 1.82 -9.90
CA THR A 416 20.90 3.07 -9.22
C THR A 416 20.57 3.04 -7.75
N ASP A 417 19.83 2.04 -7.28
CA ASP A 417 19.26 2.07 -5.94
C ASP A 417 20.27 1.45 -4.98
N LYS A 418 21.19 2.30 -4.50
CA LYS A 418 22.33 1.77 -3.75
C LYS A 418 21.91 1.14 -2.42
N VAL A 419 20.95 1.75 -1.73
CA VAL A 419 20.48 1.14 -0.48
C VAL A 419 19.72 -0.15 -0.76
N GLY A 420 18.96 -0.17 -1.85
CA GLY A 420 18.22 -1.36 -2.21
C GLY A 420 19.14 -2.52 -2.59
N ILE A 421 20.24 -2.21 -3.27
CA ILE A 421 21.24 -3.24 -3.56
C ILE A 421 21.83 -3.83 -2.29
N GLN A 422 22.14 -2.98 -1.30
CA GLN A 422 22.64 -3.53 -0.03
C GLN A 422 21.57 -4.40 0.65
N GLY A 423 20.31 -3.96 0.59
CA GLY A 423 19.24 -4.76 1.15
C GLY A 423 19.17 -6.15 0.55
N VAL A 424 19.16 -6.23 -0.79
CA VAL A 424 19.05 -7.55 -1.43
C VAL A 424 20.32 -8.34 -1.24
N SER A 425 21.48 -7.67 -1.17
CA SER A 425 22.72 -8.37 -0.85
C SER A 425 22.64 -8.98 0.53
N SER A 426 21.96 -8.32 1.47
CA SER A 426 21.83 -8.88 2.82
C SER A 426 20.97 -10.14 2.82
N ILE A 427 19.89 -10.15 2.05
CA ILE A 427 19.03 -11.32 1.98
C ILE A 427 19.77 -12.49 1.34
N LYS A 428 20.52 -12.23 0.27
CA LYS A 428 21.36 -13.28 -0.31
C LYS A 428 22.31 -13.86 0.72
N GLN A 429 23.05 -12.99 1.41
CA GLN A 429 24.02 -13.45 2.40
CA GLN A 429 24.02 -13.45 2.41
C GLN A 429 23.34 -14.26 3.51
N SER A 430 22.18 -13.79 3.99
CA SER A 430 21.53 -14.46 5.12
C SER A 430 21.04 -15.84 4.71
N ILE A 431 20.31 -15.92 3.60
CA ILE A 431 19.73 -17.18 3.16
C ILE A 431 20.82 -18.18 2.80
N GLU A 432 21.82 -17.73 2.02
CA GLU A 432 22.88 -18.66 1.64
C GLU A 432 23.74 -19.06 2.83
N SER A 433 23.92 -18.17 3.81
CA SER A 433 24.72 -18.56 4.97
C SER A 433 24.03 -19.64 5.78
N VAL A 434 22.71 -19.53 5.95
CA VAL A 434 21.97 -20.47 6.78
C VAL A 434 21.79 -21.79 6.06
N LEU A 435 21.38 -21.73 4.79
CA LEU A 435 20.98 -22.98 4.13
C LEU A 435 22.09 -23.60 3.33
N GLY A 436 23.13 -22.82 2.98
CA GLY A 436 24.23 -23.30 2.19
C GLY A 436 24.03 -22.98 0.72
N SER A 437 25.06 -22.48 0.07
CA SER A 437 24.95 -22.21 -1.35
C SER A 437 24.93 -23.49 -2.19
N ASP A 438 25.20 -24.64 -1.60
CA ASP A 438 24.90 -25.89 -2.31
C ASP A 438 23.42 -26.22 -2.31
N ASN A 439 22.61 -25.46 -1.56
CA ASN A 439 21.17 -25.70 -1.47
C ASN A 439 20.32 -24.58 -2.04
N VAL A 440 20.68 -23.31 -1.78
CA VAL A 440 19.96 -22.17 -2.32
C VAL A 440 20.97 -21.11 -2.74
N VAL A 441 20.75 -20.50 -3.90
CA VAL A 441 21.51 -19.35 -4.38
C VAL A 441 20.52 -18.25 -4.72
N ILE A 442 20.72 -17.07 -4.13
CA ILE A 442 19.94 -15.88 -4.49
C ILE A 442 20.72 -15.12 -5.55
N ASP A 443 20.19 -15.06 -6.76
CA ASP A 443 20.86 -14.41 -7.87
C ASP A 443 20.27 -13.00 -8.02
N ILE A 444 21.10 -11.99 -7.75
CA ILE A 444 20.67 -10.60 -7.78
C ILE A 444 20.82 -10.08 -9.21
N GLN A 445 19.71 -9.64 -9.79
CA GLN A 445 19.68 -9.10 -11.15
C GLN A 445 19.56 -7.58 -11.06
N GLN A 446 20.64 -6.86 -11.35
CA GLN A 446 20.60 -5.41 -11.36
C GLN A 446 20.08 -4.93 -12.71
N LEU A 447 18.98 -4.17 -12.69
CA LEU A 447 18.30 -3.77 -13.92
C LEU A 447 18.27 -2.26 -14.06
N THR A 448 18.09 -1.79 -15.29
CA THR A 448 17.76 -0.40 -15.47
C THR A 448 16.37 -0.11 -14.93
N SER A 449 16.08 1.18 -14.76
CA SER A 449 14.75 1.60 -14.34
C SER A 449 13.67 0.95 -15.21
N ASP A 450 13.81 1.07 -16.53
CA ASP A 450 12.79 0.56 -17.44
C ASP A 450 12.62 -0.96 -17.29
N GLU A 451 13.72 -1.69 -17.18
CA GLU A 451 13.64 -3.14 -17.02
C GLU A 451 13.06 -3.51 -15.67
N PHE A 452 13.47 -2.80 -14.61
CA PHE A 452 12.93 -3.06 -13.28
C PHE A 452 11.43 -2.80 -13.25
N ASP A 453 10.97 -1.73 -13.92
CA ASP A 453 9.55 -1.40 -13.91
C ASP A 453 8.72 -2.44 -14.66
N SER A 454 9.16 -2.81 -15.87
CA SER A 454 8.33 -3.63 -16.75
C SER A 454 8.33 -5.10 -16.37
N SER A 455 9.28 -5.55 -15.58
CA SER A 455 9.30 -6.92 -15.11
C SER A 455 8.70 -7.05 -13.71
N GLY A 456 8.28 -5.94 -13.12
CA GLY A 456 7.85 -5.94 -11.74
C GLY A 456 6.58 -5.15 -11.51
N TYR A 457 6.71 -3.99 -10.87
CA TYR A 457 5.55 -3.24 -10.39
C TYR A 457 4.63 -2.85 -11.53
N PHE A 458 5.19 -2.50 -12.68
CA PHE A 458 4.41 -2.03 -13.82
C PHE A 458 4.22 -3.09 -14.89
N ALA A 459 4.54 -4.35 -14.60
CA ALA A 459 4.12 -5.43 -15.49
C ALA A 459 2.60 -5.48 -15.53
N GLN A 460 2.06 -5.73 -16.72
CA GLN A 460 0.61 -5.73 -16.90
C GLN A 460 -0.01 -7.11 -16.83
N THR A 461 0.79 -8.18 -16.87
CA THR A 461 0.28 -9.54 -16.74
C THR A 461 1.18 -10.33 -15.80
N ALA A 462 0.66 -11.46 -15.30
CA ALA A 462 1.49 -12.37 -14.53
C ALA A 462 2.65 -12.91 -15.36
N ALA A 463 2.41 -13.12 -16.66
CA ALA A 463 3.43 -13.72 -17.52
C ALA A 463 4.66 -12.83 -17.68
N GLN A 464 4.49 -11.52 -17.52
CA GLN A 464 5.60 -10.58 -17.67
C GLN A 464 6.46 -10.45 -16.41
N LYS A 465 6.04 -11.05 -15.30
CA LYS A 465 6.82 -10.98 -14.07
C LYS A 465 8.07 -11.82 -14.24
N ASP A 466 9.24 -11.18 -14.11
CA ASP A 466 10.52 -11.79 -14.50
C ASP A 466 11.42 -11.78 -13.27
N TYR A 467 11.25 -12.80 -12.42
CA TYR A 467 11.89 -12.94 -11.12
C TYR A 467 11.33 -14.21 -10.49
N ASP A 468 12.01 -14.69 -9.43
CA ASP A 468 11.47 -15.74 -8.57
C ASP A 468 11.03 -15.22 -7.22
N LEU A 469 11.65 -14.13 -6.76
CA LEU A 469 11.30 -13.46 -5.53
C LEU A 469 10.86 -12.04 -5.87
N TYR A 470 9.80 -11.59 -5.20
CA TYR A 470 9.29 -10.23 -5.32
C TYR A 470 9.24 -9.58 -3.95
N HIS A 471 9.48 -8.26 -3.90
CA HIS A 471 9.32 -7.53 -2.64
C HIS A 471 8.39 -6.35 -2.91
N GLY A 472 7.12 -6.53 -2.59
CA GLY A 472 6.16 -5.47 -2.72
C GLY A 472 5.37 -5.27 -1.44
N GLY A 473 4.33 -4.47 -1.50
CA GLY A 473 3.59 -4.20 -0.28
C GLY A 473 2.18 -3.78 -0.58
N TRP A 474 1.41 -3.65 0.49
CA TRP A 474 0.00 -3.30 0.39
C TRP A 474 -0.31 -2.15 1.33
N GLY A 475 -0.93 -1.11 0.80
CA GLY A 475 -1.54 -0.09 1.62
C GLY A 475 -3.03 -0.33 1.73
N PRO A 476 -3.56 -0.36 2.95
CA PRO A 476 -4.98 -0.73 3.12
C PRO A 476 -5.90 0.30 2.49
N ASP A 477 -6.95 -0.19 1.84
CA ASP A 477 -7.93 0.65 1.17
C ASP A 477 -9.14 0.97 2.02
N TYR A 478 -9.41 0.17 3.07
CA TYR A 478 -10.60 0.37 3.90
C TYR A 478 -10.39 -0.40 5.20
N GLN A 479 -11.23 -0.06 6.19
CA GLN A 479 -10.95 -0.43 7.58
C GLN A 479 -11.53 -1.80 7.92
N ASP A 480 -10.88 -2.85 7.39
CA ASP A 480 -11.28 -4.23 7.65
C ASP A 480 -10.11 -5.11 7.27
N PRO A 481 -9.84 -6.21 8.00
CA PRO A 481 -8.69 -7.05 7.64
C PRO A 481 -8.74 -7.62 6.24
N SER A 482 -9.93 -7.69 5.63
CA SER A 482 -10.05 -8.22 4.28
C SER A 482 -9.29 -7.37 3.27
N THR A 483 -9.07 -6.06 3.53
CA THR A 483 -8.34 -5.28 2.54
C THR A 483 -6.97 -5.89 2.30
N TYR A 484 -6.33 -6.41 3.35
CA TYR A 484 -5.03 -7.05 3.18
C TYR A 484 -5.19 -8.48 2.71
N LEU A 485 -6.04 -9.24 3.38
CA LEU A 485 -6.00 -10.67 3.19
C LEU A 485 -6.63 -11.12 1.88
N ASP A 486 -7.55 -10.32 1.33
CA ASP A 486 -8.14 -10.65 0.04
C ASP A 486 -7.15 -10.60 -1.12
N ILE A 487 -5.96 -9.99 -0.96
CA ILE A 487 -5.17 -9.71 -2.15
C ILE A 487 -4.54 -10.95 -2.77
N PHE A 488 -4.66 -12.10 -2.09
CA PHE A 488 -4.17 -13.36 -2.62
C PHE A 488 -5.29 -14.31 -3.03
N ASN A 489 -6.55 -13.88 -3.00
CA ASN A 489 -7.62 -14.79 -3.37
C ASN A 489 -7.58 -15.05 -4.87
N THR A 490 -7.94 -16.26 -5.27
CA THR A 490 -7.76 -16.64 -6.67
C THR A 490 -8.81 -16.05 -7.60
N ASN A 491 -9.92 -15.51 -7.06
CA ASN A 491 -10.94 -14.95 -7.93
C ASN A 491 -10.60 -13.52 -8.38
N SER A 492 -10.05 -12.70 -7.47
CA SER A 492 -9.90 -11.28 -7.75
C SER A 492 -8.75 -10.63 -6.99
N GLY A 493 -7.82 -11.40 -6.41
CA GLY A 493 -6.81 -10.84 -5.55
C GLY A 493 -5.93 -9.82 -6.24
N GLY A 494 -5.83 -8.63 -5.63
CA GLY A 494 -5.06 -7.54 -6.24
C GLY A 494 -3.58 -7.81 -6.33
N PHE A 495 -3.08 -8.77 -5.57
CA PHE A 495 -1.65 -9.09 -5.59
C PHE A 495 -1.35 -10.37 -6.34
N LEU A 496 -2.36 -10.99 -6.96
CA LEU A 496 -2.15 -12.34 -7.49
C LEU A 496 -1.12 -12.34 -8.61
N GLN A 497 -1.15 -11.34 -9.50
CA GLN A 497 -0.18 -11.31 -10.59
C GLN A 497 1.26 -11.29 -10.08
N ASN A 498 1.51 -10.63 -8.94
CA ASN A 498 2.86 -10.63 -8.38
C ASN A 498 3.32 -12.03 -7.97
N LEU A 499 2.39 -12.93 -7.70
CA LEU A 499 2.70 -14.33 -7.45
C LEU A 499 2.71 -15.16 -8.73
N GLY A 500 2.60 -14.51 -9.89
CA GLY A 500 2.56 -15.24 -11.14
C GLY A 500 1.23 -15.88 -11.49
N LEU A 501 0.17 -15.53 -10.78
CA LEU A 501 -1.14 -16.10 -11.05
C LEU A 501 -2.07 -15.02 -11.61
N GLU A 502 -3.10 -15.49 -12.34
CA GLU A 502 -4.08 -14.56 -12.89
C GLU A 502 -5.43 -14.75 -12.20
N PRO A 503 -6.08 -13.67 -11.78
CA PRO A 503 -7.43 -13.80 -11.20
C PRO A 503 -8.36 -14.58 -12.11
N GLY A 504 -9.16 -15.45 -11.51
CA GLY A 504 -10.11 -16.26 -12.24
C GLY A 504 -9.65 -17.69 -12.46
N GLU A 505 -8.47 -17.83 -13.07
CA GLU A 505 -7.91 -19.16 -13.48
C GLU A 505 -8.01 -20.24 -12.40
N ALA A 506 -7.46 -19.97 -11.21
CA ALA A 506 -7.34 -20.96 -10.13
C ALA A 506 -6.76 -22.27 -10.67
N ASN A 507 -5.50 -22.16 -11.08
CA ASN A 507 -4.88 -23.21 -11.87
C ASN A 507 -4.17 -24.21 -10.97
N ASP A 508 -3.51 -25.19 -11.60
CA ASP A 508 -2.80 -26.29 -10.89
C ASP A 508 -1.83 -25.73 -9.85
N LYS A 509 -1.10 -24.66 -10.18
CA LYS A 509 -0.12 -24.10 -9.26
C LYS A 509 -0.80 -23.49 -8.03
N ALA A 510 -1.89 -22.76 -8.25
CA ALA A 510 -2.61 -22.19 -7.11
C ALA A 510 -3.18 -23.29 -6.22
N LYS A 511 -3.68 -24.37 -6.81
CA LYS A 511 -4.17 -25.49 -6.00
C LYS A 511 -3.03 -26.20 -5.29
N ALA A 512 -1.87 -26.29 -5.93
CA ALA A 512 -0.72 -26.96 -5.31
C ALA A 512 -0.31 -26.31 -3.99
N VAL A 513 -0.51 -25.00 -3.86
CA VAL A 513 -0.11 -24.31 -2.64
C VAL A 513 -1.28 -23.99 -1.73
N GLY A 514 -2.49 -24.39 -2.09
CA GLY A 514 -3.66 -24.25 -1.24
C GLY A 514 -4.37 -22.92 -1.34
N LEU A 515 -4.06 -22.09 -2.34
CA LEU A 515 -4.71 -20.79 -2.42
C LEU A 515 -6.20 -20.91 -2.74
N ASP A 516 -6.67 -22.04 -3.26
CA ASP A 516 -8.10 -22.25 -3.39
C ASP A 516 -8.76 -22.43 -2.02
N VAL A 517 -8.14 -23.22 -1.14
CA VAL A 517 -8.63 -23.33 0.23
C VAL A 517 -8.62 -21.97 0.90
N TYR A 518 -7.52 -21.22 0.73
CA TYR A 518 -7.43 -19.88 1.29
C TYR A 518 -8.59 -19.01 0.83
N THR A 519 -8.91 -19.07 -0.46
CA THR A 519 -9.99 -18.26 -1.02
C THR A 519 -11.35 -18.66 -0.44
N GLN A 520 -11.57 -19.96 -0.24
CA GLN A 520 -12.82 -20.38 0.40
C GLN A 520 -12.90 -19.89 1.83
N MET A 521 -11.76 -19.87 2.56
CA MET A 521 -11.76 -19.37 3.92
C MET A 521 -12.15 -17.89 3.94
N LEU A 522 -11.59 -17.11 3.02
CA LEU A 522 -11.94 -15.69 2.91
C LEU A 522 -13.43 -15.50 2.69
N GLU A 523 -14.02 -16.33 1.81
CA GLU A 523 -15.45 -16.22 1.55
C GLU A 523 -16.28 -16.48 2.81
N GLU A 524 -15.92 -17.51 3.58
CA GLU A 524 -16.66 -17.79 4.81
C GLU A 524 -16.50 -16.65 5.82
N ALA A 525 -15.27 -16.17 6.02
CA ALA A 525 -15.05 -15.09 6.99
C ALA A 525 -15.80 -13.82 6.59
N ASN A 526 -15.88 -13.55 5.28
CA ASN A 526 -16.52 -12.31 4.83
C ASN A 526 -18.01 -12.30 5.18
N LYS A 527 -18.62 -13.47 5.34
CA LYS A 527 -20.04 -13.52 5.67
C LYS A 527 -20.31 -13.09 7.10
N GLU A 528 -19.31 -13.10 7.97
CA GLU A 528 -19.49 -12.79 9.38
C GLU A 528 -19.65 -11.30 9.59
N GLN A 529 -20.75 -10.90 10.23
CA GLN A 529 -21.08 -9.49 10.45
C GLN A 529 -20.69 -8.99 11.83
N ASP A 530 -20.67 -9.85 12.83
CA ASP A 530 -20.22 -9.42 14.16
C ASP A 530 -18.73 -9.16 14.12
N PRO A 531 -18.27 -7.97 14.52
CA PRO A 531 -16.85 -7.64 14.31
C PRO A 531 -15.89 -8.56 15.04
N ALA A 532 -16.15 -8.88 16.31
CA ALA A 532 -15.24 -9.74 17.06
C ALA A 532 -15.09 -11.09 16.38
N LYS A 533 -16.21 -11.72 16.02
CA LYS A 533 -16.19 -13.02 15.34
C LYS A 533 -15.50 -12.90 13.99
N ARG A 534 -15.88 -11.89 13.22
CA ARG A 534 -15.29 -11.66 11.90
C ARG A 534 -13.78 -11.54 11.98
N TYR A 535 -13.30 -10.75 12.94
CA TYR A 535 -11.86 -10.50 13.04
C TYR A 535 -11.14 -11.76 13.49
N GLU A 536 -11.82 -12.55 14.33
CA GLU A 536 -11.24 -13.84 14.83
C GLU A 536 -11.03 -14.78 13.65
N LYS A 537 -11.98 -14.79 12.69
CA LYS A 537 -11.87 -15.65 11.52
C LYS A 537 -10.78 -15.17 10.58
N TYR A 538 -10.67 -13.85 10.39
CA TYR A 538 -9.56 -13.33 9.59
C TYR A 538 -8.23 -13.57 10.27
N ALA A 539 -8.20 -13.66 11.60
CA ALA A 539 -6.95 -13.95 12.27
C ALA A 539 -6.49 -15.37 11.95
N ASP A 540 -7.42 -16.32 11.94
CA ASP A 540 -7.08 -17.68 11.52
C ASP A 540 -6.61 -17.70 10.07
N ILE A 541 -7.24 -16.89 9.21
CA ILE A 541 -6.81 -16.80 7.83
C ILE A 541 -5.40 -16.23 7.73
N GLN A 542 -5.10 -15.18 8.50
CA GLN A 542 -3.73 -14.65 8.50
C GLN A 542 -2.76 -15.70 9.02
N ALA A 543 -3.18 -16.49 10.01
CA ALA A 543 -2.30 -17.55 10.52
C ALA A 543 -2.01 -18.59 9.46
N TRP A 544 -3.04 -19.02 8.73
CA TRP A 544 -2.85 -19.95 7.62
C TRP A 544 -1.82 -19.40 6.65
N LEU A 545 -1.93 -18.12 6.33
CA LEU A 545 -1.03 -17.50 5.35
C LEU A 545 0.40 -17.48 5.86
N ILE A 546 0.62 -17.14 7.14
CA ILE A 546 1.97 -17.16 7.68
C ILE A 546 2.56 -18.56 7.58
N ASP A 547 1.77 -19.56 8.00
CA ASP A 547 2.24 -20.95 7.95
C ASP A 547 2.57 -21.35 6.52
N SER A 548 1.74 -20.93 5.56
CA SER A 548 1.96 -21.26 4.16
C SER A 548 3.29 -20.72 3.64
N SER A 549 3.76 -19.62 4.22
CA SER A 549 4.98 -18.92 3.80
C SER A 549 4.94 -18.55 2.32
N LEU A 550 3.71 -18.36 1.81
CA LEU A 550 3.52 -17.73 0.51
C LEU A 550 3.84 -16.25 0.55
N VAL A 551 3.88 -15.67 1.74
CA VAL A 551 4.44 -14.36 1.98
C VAL A 551 5.47 -14.50 3.09
N LEU A 552 6.51 -13.67 3.02
CA LEU A 552 7.55 -13.56 4.04
C LEU A 552 7.54 -12.13 4.54
N PRO A 553 6.81 -11.84 5.62
CA PRO A 553 6.66 -10.44 6.05
C PRO A 553 8.02 -9.81 6.35
N SER A 554 8.16 -8.56 5.93
CA SER A 554 9.46 -7.90 6.04
C SER A 554 9.37 -6.62 6.87
N VAL A 555 8.90 -5.54 6.25
CA VAL A 555 8.98 -4.21 6.83
C VAL A 555 7.69 -3.43 6.58
N SER A 556 7.61 -2.32 7.29
CA SER A 556 6.52 -1.36 7.07
C SER A 556 7.11 -0.06 6.54
N ARG A 557 6.24 0.89 6.26
CA ARG A 557 6.69 2.27 6.05
C ARG A 557 6.80 2.90 7.44
N GLY A 558 7.57 3.96 7.55
CA GLY A 558 7.79 4.58 8.84
C GLY A 558 8.83 3.85 9.66
N GLY A 559 9.09 4.40 10.86
CA GLY A 559 10.14 3.89 11.71
C GLY A 559 11.52 4.37 11.35
N THR A 560 11.63 5.44 10.57
CA THR A 560 12.88 5.89 9.97
C THR A 560 13.27 7.27 10.49
N PRO A 561 14.56 7.61 10.46
CA PRO A 561 15.02 8.91 10.96
C PRO A 561 14.91 10.01 9.92
N SER A 562 14.58 11.21 10.37
CA SER A 562 14.53 12.35 9.46
C SER A 562 14.90 13.64 10.18
N LEU A 563 15.20 14.65 9.37
CA LEU A 563 15.27 16.04 9.79
C LEU A 563 14.07 16.75 9.19
N ARG A 564 13.50 17.71 9.91
CA ARG A 564 12.23 18.27 9.49
C ARG A 564 12.11 19.75 9.76
N ARG A 565 11.56 20.49 8.78
CA ARG A 565 11.01 21.83 8.98
C ARG A 565 9.50 21.84 8.76
N THR A 566 8.86 20.68 8.86
CA THR A 566 7.41 20.60 8.87
C THR A 566 6.89 20.70 10.29
N VAL A 567 5.68 21.26 10.44
CA VAL A 567 5.07 21.38 11.75
C VAL A 567 4.57 20.01 12.20
N PRO A 568 4.98 19.50 13.36
CA PRO A 568 4.59 18.13 13.76
C PRO A 568 3.08 17.99 13.88
N PHE A 569 2.56 16.92 13.26
CA PHE A 569 1.16 16.50 13.37
C PHE A 569 0.18 17.55 12.87
N ALA A 570 0.60 18.36 11.89
CA ALA A 570 -0.34 19.27 11.24
C ALA A 570 -1.11 18.57 10.13
N ALA A 571 -0.50 17.59 9.48
CA ALA A 571 -1.06 16.94 8.30
C ALA A 571 -2.21 16.00 8.66
N ALA A 572 -2.96 15.58 7.65
CA ALA A 572 -3.97 14.56 7.91
C ALA A 572 -3.31 13.21 8.11
N TYR A 573 -4.02 12.33 8.82
CA TYR A 573 -3.58 10.98 9.06
C TYR A 573 -4.76 10.05 8.82
N GLY A 574 -4.49 8.91 8.20
CA GLY A 574 -5.55 7.93 8.07
C GLY A 574 -4.99 6.54 8.19
N LEU A 575 -5.71 5.65 8.85
CA LEU A 575 -5.27 4.27 8.92
C LEU A 575 -5.37 3.59 7.57
N THR A 576 -6.34 4.01 6.75
CA THR A 576 -6.60 3.40 5.45
C THR A 576 -6.99 4.49 4.45
N GLY A 577 -6.89 4.16 3.16
CA GLY A 577 -7.29 5.11 2.13
C GLY A 577 -6.18 6.06 1.70
N THR A 578 -6.56 7.08 0.91
CA THR A 578 -5.57 7.92 0.25
C THR A 578 -5.65 9.40 0.65
N LYS A 579 -6.22 9.72 1.81
CA LYS A 579 -6.43 11.11 2.21
C LYS A 579 -5.74 11.45 3.53
N GLY A 580 -4.63 10.78 3.79
CA GLY A 580 -3.85 11.03 4.99
C GLY A 580 -2.53 11.65 4.64
N VAL A 581 -1.44 10.93 4.93
CA VAL A 581 -0.11 11.46 4.71
C VAL A 581 0.16 11.67 3.22
N GLU A 582 -0.62 11.03 2.35
CA GLU A 582 -0.46 11.20 0.92
C GLU A 582 -0.78 12.62 0.49
N SER A 583 -1.63 13.30 1.24
CA SER A 583 -2.13 14.60 0.86
C SER A 583 -1.29 15.69 1.49
N TYR A 584 -0.97 16.71 0.69
CA TYR A 584 -0.29 17.87 1.25
C TYR A 584 -1.26 18.91 1.79
N LYS A 585 -2.56 18.63 1.76
CA LYS A 585 -3.51 19.44 2.53
C LYS A 585 -3.15 19.36 4.00
N TYR A 586 -3.49 20.42 4.76
CA TYR A 586 -3.28 20.49 6.22
C TYR A 586 -1.80 20.67 6.61
N LEU A 587 -0.88 20.12 5.82
CA LEU A 587 0.54 20.18 6.16
C LEU A 587 1.00 21.64 6.28
N LYS A 588 1.90 21.88 7.23
CA LYS A 588 2.46 23.22 7.45
C LYS A 588 3.97 23.15 7.49
N VAL A 589 4.62 24.23 7.00
CA VAL A 589 6.08 24.33 7.04
C VAL A 589 6.46 25.48 7.96
N GLN A 590 7.67 25.43 8.51
CA GLN A 590 8.14 26.48 9.41
C GLN A 590 9.62 26.75 9.17
N ASP A 591 10.12 27.85 9.75
CA ASP A 591 11.53 28.17 9.60
C ASP A 591 12.43 27.29 10.46
N LYS A 592 11.99 26.98 11.67
CA LYS A 592 12.84 26.28 12.63
C LYS A 592 12.95 24.80 12.32
N ILE A 593 14.16 24.28 12.42
CA ILE A 593 14.35 22.83 12.37
C ILE A 593 13.80 22.25 13.66
N VAL A 594 12.83 21.34 13.55
CA VAL A 594 12.17 20.78 14.73
C VAL A 594 13.18 19.99 15.56
N THR A 595 13.09 20.11 16.89
CA THR A 595 13.94 19.30 17.76
C THR A 595 13.26 18.00 18.13
N THR A 596 14.08 17.02 18.54
CA THR A 596 13.55 15.74 18.98
C THR A 596 12.58 15.92 20.15
N ASP A 597 12.94 16.78 21.10
CA ASP A 597 12.10 17.04 22.27
C ASP A 597 10.80 17.74 21.88
N GLU A 598 10.85 18.71 20.95
CA GLU A 598 9.61 19.31 20.45
C GLU A 598 8.73 18.26 19.79
N TYR A 599 9.32 17.38 18.99
CA TYR A 599 8.50 16.39 18.31
C TYR A 599 7.87 15.44 19.31
N ALA A 600 8.63 15.04 20.33
CA ALA A 600 8.12 14.12 21.34
C ALA A 600 6.94 14.73 22.09
N LYS A 601 7.04 16.01 22.44
CA LYS A 601 5.94 16.69 23.10
C LYS A 601 4.70 16.72 22.20
N ALA A 602 4.90 17.04 20.92
CA ALA A 602 3.78 17.07 19.98
C ALA A 602 3.19 15.69 19.79
N ARG A 603 4.04 14.67 19.78
CA ARG A 603 3.57 13.30 19.58
C ARG A 603 2.69 12.86 20.75
N GLU A 604 3.13 13.13 21.98
CA GLU A 604 2.33 12.75 23.14
C GLU A 604 1.01 13.50 23.16
N LYS A 605 1.02 14.75 22.71
CA LYS A 605 -0.21 15.51 22.64
C LYS A 605 -1.14 14.93 21.58
N TRP A 606 -0.57 14.55 20.44
CA TRP A 606 -1.38 13.95 19.38
C TRP A 606 -1.96 12.61 19.81
N LEU A 607 -1.16 11.77 20.45
CA LEU A 607 -1.65 10.47 20.90
C LEU A 607 -2.84 10.63 21.84
N LYS A 608 -2.74 11.57 22.78
CA LYS A 608 -3.83 11.78 23.71
C LYS A 608 -5.07 12.31 23.00
N GLU A 609 -4.88 13.30 22.13
CA GLU A 609 -5.99 13.93 21.42
C GLU A 609 -6.65 12.97 20.45
N LYS A 610 -5.86 12.07 19.85
CA LYS A 610 -6.45 11.11 18.92
C LYS A 610 -7.49 10.24 19.62
N GLU A 611 -7.18 9.78 20.84
CA GLU A 611 -8.17 8.95 21.53
C GLU A 611 -9.43 9.75 21.86
N GLU A 612 -9.26 10.98 22.35
CA GLU A 612 -10.43 11.81 22.66
C GLU A 612 -11.25 12.08 21.41
N SER A 613 -10.57 12.41 20.30
CA SER A 613 -11.28 12.76 19.08
CA SER A 613 -11.28 12.76 19.08
C SER A 613 -11.97 11.55 18.47
N ASN A 614 -11.32 10.38 18.52
CA ASN A 614 -11.94 9.16 18.03
C ASN A 614 -13.20 8.84 18.80
N LYS A 615 -13.20 9.04 20.13
CA LYS A 615 -14.39 8.81 20.93
C LYS A 615 -15.53 9.73 20.51
N LYS A 616 -15.20 11.00 20.30
CA LYS A 616 -16.22 11.96 19.83
C LYS A 616 -16.73 11.52 18.46
N ALA A 617 -15.83 11.10 17.59
CA ALA A 617 -16.23 10.70 16.23
C ALA A 617 -17.20 9.52 16.27
N GLN A 618 -16.98 8.58 17.20
CA GLN A 618 -17.88 7.45 17.33
C GLN A 618 -19.26 7.90 17.80
N GLU A 619 -19.30 8.90 18.68
CA GLU A 619 -20.57 9.49 19.10
C GLU A 619 -21.29 10.14 17.93
N GLU A 620 -20.56 10.93 17.13
CA GLU A 620 -21.17 11.62 16.00
C GLU A 620 -21.74 10.64 14.96
N LEU A 621 -21.23 9.41 14.93
CA LEU A 621 -21.64 8.45 13.92
C LEU A 621 -23.13 8.11 14.03
N ALA A 622 -23.64 7.98 15.26
CA ALA A 622 -25.01 7.50 15.44
C ALA A 622 -26.04 8.49 14.90
N LYS A 623 -25.71 9.77 14.83
CA LYS A 623 -26.67 10.76 14.34
C LYS A 623 -26.97 10.58 12.86
N HIS A 624 -26.19 9.76 12.15
CA HIS A 624 -26.34 9.60 10.72
C HIS A 624 -27.20 8.41 10.32
N VAL A 625 -27.71 7.64 11.28
CA VAL A 625 -28.54 6.49 10.91
C VAL A 625 -29.96 6.96 10.64
N LYS A 626 -30.35 6.91 9.36
CA LYS A 626 -31.71 7.33 8.91
C LYS A 626 -32.01 8.73 9.45
N UNK B 1 -4.19 -0.69 -2.06
CA UNK B 1 -3.33 -0.13 -3.11
C UNK B 1 -1.99 -0.84 -3.13
N UNK B 2 -1.48 -1.15 -4.32
CA UNK B 2 -0.17 -1.78 -4.44
C UNK B 2 0.92 -0.74 -4.24
N UNK B 3 1.86 -1.02 -3.34
CA UNK B 3 2.95 -0.11 -3.04
C UNK B 3 4.28 -0.69 -3.51
N UNK B 4 5.21 0.20 -3.81
CA UNK B 4 6.59 -0.19 -4.06
C UNK B 4 7.47 0.24 -2.89
N UNK B 5 8.65 -0.38 -2.81
CA UNK B 5 9.62 -0.01 -1.77
C UNK B 5 10.35 1.26 -2.18
N UNK B 6 10.25 2.31 -1.36
CA UNK B 6 10.82 3.62 -1.67
C UNK B 6 11.63 4.10 -0.47
N UNK B 7 12.94 4.22 -0.65
CA UNK B 7 13.84 4.57 0.44
C UNK B 7 14.13 6.08 0.43
N UNK B 8 13.08 6.85 0.74
CA UNK B 8 13.19 8.29 0.85
C UNK B 8 12.17 8.81 1.85
N UNK B 9 11.19 7.98 2.18
CA UNK B 9 10.07 8.36 3.03
C UNK B 9 10.42 8.25 4.51
#